data_6XZX
#
_entry.id   6XZX
#
_cell.length_a   62.841
_cell.length_b   70.985
_cell.length_c   120.802
_cell.angle_alpha   90.000
_cell.angle_beta   90.000
_cell.angle_gamma   90.000
#
_symmetry.space_group_name_H-M   'P 21 21 21'
#
loop_
_entity.id
_entity.type
_entity.pdbx_description
1 polymer 'Carbonic anhydrase 1'
2 non-polymer 'ZINC ION'
3 non-polymer 1-[2-[(phenylmethyl)amino]ethyl]-3-(3-sulfamoylphenyl)urea
4 water water
#
_entity_poly.entity_id   1
_entity_poly.type   'polypeptide(L)'
_entity_poly.pdbx_seq_one_letter_code
;MASPDWGYDDKNGPEQWSKLYPIANGNNQSPVDIKTSETKHDTSLKPISVSYNPATAKEIINVGHSFHVNFEDNDNRSVL
KGGPFSDSYRLFQFHFHWGSTNEHGSEHTVDGVKYSAELHVAHWNSAKYSSLAEAASKADGLAVIGVLMKVGEANPKLQK
VLDALQAIKTKGKRAPFTNFDPSTLLPSSLDFWTYPGSLTHPPLYESVTWIICKESISVSSEQLAQFRSLLSNVEGDNAV
PMQHNNRPTQPLKGRTVRASF
;
_entity_poly.pdbx_strand_id   A,B
#
# COMPACT_ATOMS: atom_id res chain seq x y z
N ASP A 5 -7.44 -24.06 -7.12
CA ASP A 5 -6.73 -22.98 -6.44
C ASP A 5 -7.71 -22.16 -5.61
N TRP A 6 -7.76 -22.45 -4.32
CA TRP A 6 -8.63 -21.71 -3.42
C TRP A 6 -8.08 -20.31 -3.17
N GLY A 7 -8.96 -19.43 -2.74
CA GLY A 7 -8.59 -18.05 -2.44
C GLY A 7 -9.63 -17.46 -1.51
N TYR A 8 -9.77 -16.13 -1.56
CA TYR A 8 -10.76 -15.44 -0.76
C TYR A 8 -11.79 -14.64 -1.55
N ASP A 9 -11.63 -14.52 -2.88
CA ASP A 9 -12.62 -13.78 -3.66
C ASP A 9 -13.88 -14.64 -3.84
N ASP A 10 -14.89 -14.08 -4.51
CA ASP A 10 -16.21 -14.73 -4.51
C ASP A 10 -16.25 -16.01 -5.33
N LYS A 11 -15.29 -16.22 -6.25
CA LYS A 11 -15.30 -17.42 -7.06
C LYS A 11 -14.58 -18.59 -6.40
N ASN A 12 -13.54 -18.32 -5.61
CA ASN A 12 -12.76 -19.37 -4.98
C ASN A 12 -12.73 -19.27 -3.45
N GLY A 13 -13.58 -18.44 -2.86
CA GLY A 13 -13.48 -18.11 -1.46
C GLY A 13 -14.20 -19.04 -0.49
N PRO A 14 -14.30 -18.61 0.77
CA PRO A 14 -14.84 -19.48 1.83
C PRO A 14 -16.18 -20.11 1.52
N GLU A 15 -16.99 -19.30 0.84
CA GLU A 15 -18.25 -20.01 0.66
C GLU A 15 -18.18 -20.99 -0.51
N GLN A 16 -17.21 -21.15 -1.20
CA GLN A 16 -17.02 -22.13 -2.25
C GLN A 16 -16.05 -23.25 -1.87
N TRP A 17 -15.37 -23.13 -0.73
CA TRP A 17 -14.32 -24.09 -0.39
C TRP A 17 -14.84 -25.51 -0.30
N SER A 18 -16.11 -25.69 0.08
CA SER A 18 -16.62 -27.03 0.35
C SER A 18 -16.68 -27.89 -0.91
N LYS A 19 -16.71 -27.27 -2.09
CA LYS A 19 -16.76 -28.04 -3.32
C LYS A 19 -15.48 -28.86 -3.49
N LEU A 20 -14.33 -28.25 -3.16
CA LEU A 20 -13.05 -28.95 -3.20
C LEU A 20 -12.66 -29.57 -1.86
N TYR A 21 -13.08 -28.99 -0.74
CA TYR A 21 -12.75 -29.50 0.59
C TYR A 21 -14.03 -29.71 1.39
N PRO A 22 -14.61 -30.91 1.31
CA PRO A 22 -15.90 -31.15 1.99
C PRO A 22 -15.88 -30.95 3.48
N ILE A 23 -14.71 -31.07 4.12
CA ILE A 23 -14.62 -30.87 5.57
C ILE A 23 -14.97 -29.45 5.97
N ALA A 24 -15.10 -28.54 5.00
CA ALA A 24 -15.52 -27.18 5.32
C ALA A 24 -16.87 -27.16 6.01
N ASN A 25 -17.71 -28.15 5.72
CA ASN A 25 -19.01 -28.29 6.37
C ASN A 25 -18.96 -29.26 7.56
N GLY A 26 -17.77 -29.47 8.13
CA GLY A 26 -17.60 -30.44 9.18
C GLY A 26 -18.11 -29.98 10.53
N ASN A 27 -17.88 -30.82 11.52
CA ASN A 27 -18.37 -30.57 12.87
C ASN A 27 -17.40 -29.80 13.75
N ASN A 28 -16.16 -29.62 13.30
CA ASN A 28 -15.14 -28.96 14.13
C ASN A 28 -14.45 -27.86 13.35
N GLN A 29 -15.23 -27.05 12.63
CA GLN A 29 -14.66 -26.00 11.79
C GLN A 29 -14.41 -24.72 12.58
N SER A 30 -13.40 -23.97 12.14
CA SER A 30 -13.00 -22.70 12.74
C SER A 30 -12.96 -21.64 11.66
N PRO A 31 -13.09 -20.36 12.03
CA PRO A 31 -13.27 -19.81 13.37
C PRO A 31 -14.72 -19.91 13.82
N VAL A 32 -14.99 -19.44 15.04
CA VAL A 32 -16.33 -19.46 15.61
C VAL A 32 -16.55 -18.14 16.32
N ASP A 33 -17.83 -17.85 16.57
CA ASP A 33 -18.25 -16.79 17.47
C ASP A 33 -18.26 -17.33 18.89
N ILE A 34 -17.52 -16.69 19.78
CA ILE A 34 -17.48 -17.10 21.17
C ILE A 34 -18.58 -16.33 21.90
N LYS A 35 -19.66 -17.03 22.25
CA LYS A 35 -20.75 -16.46 23.04
C LYS A 35 -20.41 -16.66 24.51
N THR A 36 -20.09 -15.56 25.21
CA THR A 36 -19.55 -15.67 26.54
C THR A 36 -20.59 -16.15 27.56
N SER A 37 -21.88 -15.99 27.26
CA SER A 37 -22.89 -16.55 28.16
C SER A 37 -22.99 -18.06 28.04
N GLU A 38 -22.44 -18.64 26.97
CA GLU A 38 -22.48 -20.08 26.78
C GLU A 38 -21.13 -20.76 27.05
N THR A 39 -20.11 -20.01 27.44
CA THR A 39 -18.83 -20.64 27.75
C THR A 39 -18.91 -21.34 29.10
N LYS A 40 -18.02 -22.31 29.30
CA LYS A 40 -18.00 -23.10 30.52
C LYS A 40 -16.62 -22.99 31.16
N HIS A 41 -16.58 -22.44 32.37
CA HIS A 41 -15.31 -22.32 33.08
C HIS A 41 -14.81 -23.70 33.47
N ASP A 42 -13.52 -23.95 33.22
CA ASP A 42 -12.89 -25.24 33.48
C ASP A 42 -11.75 -25.02 34.46
N THR A 43 -11.95 -25.46 35.71
CA THR A 43 -10.94 -25.34 36.75
C THR A 43 -9.69 -26.15 36.46
N SER A 44 -9.77 -27.17 35.59
CA SER A 44 -8.61 -28.00 35.27
C SER A 44 -7.66 -27.35 34.28
N LEU A 45 -8.08 -26.27 33.60
CA LEU A 45 -7.19 -25.60 32.66
C LEU A 45 -6.04 -24.94 33.40
N LYS A 46 -4.83 -25.22 32.95
CA LYS A 46 -3.63 -24.62 33.50
C LYS A 46 -3.33 -23.33 32.77
N PRO A 47 -2.47 -22.47 33.34
CA PRO A 47 -2.05 -21.28 32.61
C PRO A 47 -1.30 -21.67 31.33
N ILE A 48 -1.43 -20.81 30.32
CA ILE A 48 -0.64 -20.96 29.11
C ILE A 48 0.81 -20.58 29.42
N SER A 49 1.75 -21.42 29.00
CA SER A 49 3.17 -21.15 29.15
C SER A 49 3.82 -21.17 27.78
N VAL A 50 4.37 -20.02 27.35
CA VAL A 50 5.12 -19.94 26.10
C VAL A 50 6.56 -19.59 26.41
N SER A 51 7.48 -20.29 25.75
CA SER A 51 8.91 -20.06 25.93
C SER A 51 9.53 -20.19 24.53
N TYR A 52 9.73 -19.06 23.87
CA TYR A 52 10.25 -19.01 22.52
C TYR A 52 11.68 -18.51 22.53
N ASN A 53 12.52 -19.10 21.67
CA ASN A 53 13.90 -18.70 21.50
C ASN A 53 14.01 -17.85 20.25
N PRO A 54 14.46 -16.59 20.35
CA PRO A 54 14.46 -15.73 19.16
C PRO A 54 15.32 -16.26 18.02
N ALA A 55 16.29 -17.12 18.30
CA ALA A 55 17.15 -17.67 17.26
C ALA A 55 16.42 -18.66 16.36
N THR A 56 15.23 -19.13 16.74
CA THR A 56 14.46 -20.00 15.87
C THR A 56 13.72 -19.23 14.77
N ALA A 57 13.65 -17.91 14.83
CA ALA A 57 13.04 -17.16 13.74
C ALA A 57 13.85 -17.37 12.46
N LYS A 58 13.15 -17.66 11.34
CA LYS A 58 13.83 -18.06 10.12
C LYS A 58 13.53 -17.15 8.93
N GLU A 59 12.29 -17.04 8.50
CA GLU A 59 11.98 -16.53 7.18
C GLU A 59 10.59 -15.89 7.18
N ILE A 60 10.42 -14.87 6.35
CA ILE A 60 9.12 -14.29 6.06
C ILE A 60 8.83 -14.46 4.57
N ILE A 61 7.60 -14.89 4.25
CA ILE A 61 7.25 -15.37 2.91
C ILE A 61 5.90 -14.78 2.51
N ASN A 62 5.83 -14.24 1.30
CA ASN A 62 4.56 -13.84 0.73
C ASN A 62 3.95 -15.07 0.09
N VAL A 63 2.83 -15.54 0.65
CA VAL A 63 2.18 -16.76 0.17
C VAL A 63 0.95 -16.44 -0.68
N GLY A 64 0.84 -15.23 -1.20
CA GLY A 64 -0.24 -14.91 -2.12
C GLY A 64 -1.49 -14.42 -1.44
N HIS A 65 -2.07 -15.24 -0.57
CA HIS A 65 -3.24 -14.83 0.21
C HIS A 65 -2.87 -14.15 1.52
N SER A 66 -1.62 -14.20 1.93
CA SER A 66 -1.18 -13.71 3.23
C SER A 66 0.35 -13.70 3.22
N PHE A 67 0.95 -13.45 4.37
CA PHE A 67 2.38 -13.67 4.57
C PHE A 67 2.56 -14.49 5.83
N HIS A 68 3.63 -15.27 5.85
CA HIS A 68 3.95 -16.16 6.95
C HIS A 68 5.33 -15.84 7.50
N VAL A 69 5.48 -15.89 8.82
CA VAL A 69 6.80 -15.83 9.43
C VAL A 69 7.06 -17.21 9.99
N ASN A 70 8.05 -17.89 9.44
CA ASN A 70 8.32 -19.29 9.78
C ASN A 70 9.50 -19.40 10.72
N PHE A 71 9.49 -20.46 11.51
CA PHE A 71 10.48 -20.72 12.53
C PHE A 71 11.14 -22.06 12.30
N GLU A 72 12.44 -22.15 12.60
CA GLU A 72 13.12 -23.43 12.68
C GLU A 72 12.39 -24.30 13.70
N ASP A 73 12.00 -25.50 13.28
CA ASP A 73 11.26 -26.40 14.15
C ASP A 73 11.92 -27.77 14.23
N ASN A 74 13.25 -27.79 14.33
CA ASN A 74 13.99 -29.04 14.44
C ASN A 74 14.12 -29.55 15.87
N ASP A 75 13.87 -28.70 16.87
CA ASP A 75 13.97 -29.10 18.28
C ASP A 75 13.00 -28.26 19.10
N ASN A 76 13.06 -28.42 20.43
CA ASN A 76 12.12 -27.76 21.34
C ASN A 76 12.67 -26.45 21.90
N ARG A 77 13.42 -25.69 21.11
CA ARG A 77 13.86 -24.37 21.58
C ARG A 77 12.68 -23.43 21.81
N SER A 78 11.60 -23.57 21.04
CA SER A 78 10.43 -22.68 21.13
C SER A 78 9.19 -23.55 21.30
N VAL A 79 8.56 -23.50 22.47
CA VAL A 79 7.50 -24.45 22.81
C VAL A 79 6.34 -23.74 23.54
N LEU A 80 5.14 -24.30 23.36
CA LEU A 80 3.94 -23.92 24.09
C LEU A 80 3.54 -25.08 24.99
N LYS A 81 3.23 -24.78 26.25
CA LYS A 81 2.86 -25.78 27.24
C LYS A 81 1.68 -25.25 28.06
N GLY A 82 1.09 -26.14 28.87
CA GLY A 82 0.03 -25.71 29.77
C GLY A 82 -1.32 -25.65 29.09
N GLY A 83 -2.19 -24.79 29.65
CA GLY A 83 -3.54 -24.69 29.15
C GLY A 83 -4.27 -26.02 29.23
N PRO A 84 -4.87 -26.43 28.12
CA PRO A 84 -5.55 -27.74 28.07
C PRO A 84 -4.63 -28.90 27.73
N PHE A 85 -3.35 -28.65 27.51
CA PHE A 85 -2.42 -29.60 26.92
C PHE A 85 -1.62 -30.35 27.97
N SER A 86 -1.38 -31.62 27.71
CA SER A 86 -0.40 -32.41 28.43
C SER A 86 0.92 -32.51 27.68
N ASP A 87 0.88 -32.36 26.35
CA ASP A 87 2.06 -32.46 25.52
C ASP A 87 2.66 -31.07 25.27
N SER A 88 3.91 -31.06 24.84
CA SER A 88 4.58 -29.85 24.39
C SER A 88 4.33 -29.65 22.91
N TYR A 89 4.08 -28.39 22.53
CA TYR A 89 3.83 -28.05 21.13
C TYR A 89 4.92 -27.11 20.66
N ARG A 90 5.46 -27.39 19.48
CA ARG A 90 6.63 -26.69 18.97
C ARG A 90 6.18 -25.59 18.03
N LEU A 91 6.64 -24.36 18.28
CA LEU A 91 6.33 -23.24 17.42
C LEU A 91 6.83 -23.50 16.00
N PHE A 92 5.99 -23.18 15.00
CA PHE A 92 6.49 -23.19 13.64
C PHE A 92 6.14 -21.97 12.82
N GLN A 93 5.18 -21.14 13.23
CA GLN A 93 4.80 -20.05 12.35
C GLN A 93 3.91 -19.09 13.11
N PHE A 94 3.99 -17.81 12.74
CA PHE A 94 2.88 -16.90 13.05
C PHE A 94 2.52 -16.11 11.80
N HIS A 95 1.27 -15.65 11.77
CA HIS A 95 0.74 -14.87 10.65
C HIS A 95 -0.48 -14.13 11.14
N PHE A 96 -1.08 -13.34 10.23
CA PHE A 96 -2.21 -12.49 10.56
C PHE A 96 -3.34 -12.73 9.57
N HIS A 97 -4.53 -12.38 9.99
CA HIS A 97 -5.66 -12.19 9.10
C HIS A 97 -6.19 -10.77 9.28
N TRP A 98 -6.72 -10.22 8.18
CA TRP A 98 -7.29 -8.88 8.20
C TRP A 98 -8.43 -8.83 7.20
N GLY A 99 -9.15 -7.71 7.20
CA GLY A 99 -10.29 -7.51 6.33
C GLY A 99 -10.14 -6.27 5.47
N SER A 100 -11.16 -6.07 4.62
CA SER A 100 -11.10 -4.99 3.63
C SER A 100 -11.14 -3.62 4.29
N THR A 101 -11.86 -3.49 5.40
CA THR A 101 -11.87 -2.26 6.17
C THR A 101 -11.65 -2.61 7.63
N ASN A 102 -11.53 -1.57 8.46
CA ASN A 102 -11.34 -1.77 9.89
C ASN A 102 -12.52 -2.46 10.55
N GLU A 103 -13.73 -2.38 9.97
CA GLU A 103 -14.91 -2.88 10.67
C GLU A 103 -14.89 -4.38 10.84
N HIS A 104 -14.05 -5.08 10.09
CA HIS A 104 -13.94 -6.52 10.18
C HIS A 104 -12.50 -6.89 9.88
N GLY A 105 -12.17 -8.15 10.09
CA GLY A 105 -10.83 -8.59 9.73
C GLY A 105 -10.39 -9.74 10.59
N SER A 106 -10.87 -9.78 11.83
CA SER A 106 -10.62 -10.92 12.67
C SER A 106 -11.34 -12.15 12.11
N GLU A 107 -10.88 -13.32 12.54
CA GLU A 107 -11.58 -14.55 12.17
C GLU A 107 -12.54 -14.95 13.28
N HIS A 108 -12.04 -15.12 14.50
CA HIS A 108 -12.94 -15.31 15.62
C HIS A 108 -13.63 -14.00 15.95
N THR A 109 -14.83 -14.12 16.52
CA THR A 109 -15.58 -12.99 17.04
C THR A 109 -15.98 -13.33 18.47
N VAL A 110 -16.23 -12.30 19.27
CA VAL A 110 -16.63 -12.49 20.66
C VAL A 110 -17.94 -11.77 20.86
N ASP A 111 -18.99 -12.52 21.15
CA ASP A 111 -20.36 -12.00 21.31
C ASP A 111 -20.77 -11.19 20.07
N GLY A 112 -20.41 -11.68 18.89
CA GLY A 112 -20.77 -11.04 17.65
C GLY A 112 -19.87 -9.90 17.22
N VAL A 113 -18.94 -9.47 18.07
CA VAL A 113 -18.09 -8.33 17.76
C VAL A 113 -16.94 -8.78 16.86
N LYS A 114 -16.79 -8.10 15.73
CA LYS A 114 -15.69 -8.31 14.80
C LYS A 114 -14.56 -7.34 15.11
N TYR A 115 -13.33 -7.84 15.18
CA TYR A 115 -12.18 -6.99 15.35
C TYR A 115 -11.50 -6.76 14.00
N SER A 116 -10.44 -5.94 14.00
CA SER A 116 -9.86 -5.44 12.75
C SER A 116 -8.92 -6.45 12.14
N ALA A 117 -8.29 -7.28 12.96
CA ALA A 117 -7.34 -8.27 12.49
C ALA A 117 -7.21 -9.35 13.56
N GLU A 118 -6.41 -10.36 13.26
CA GLU A 118 -6.20 -11.44 14.21
C GLU A 118 -4.82 -12.03 13.97
N LEU A 119 -4.08 -12.24 15.05
CA LEU A 119 -2.77 -12.86 15.05
C LEU A 119 -2.91 -14.34 15.38
N HIS A 120 -2.23 -15.19 14.62
CA HIS A 120 -2.23 -16.64 14.84
C HIS A 120 -0.80 -17.10 15.06
N VAL A 121 -0.55 -17.76 16.19
CA VAL A 121 0.76 -18.32 16.53
C VAL A 121 0.58 -19.83 16.58
N ALA A 122 1.19 -20.53 15.63
CA ALA A 122 0.86 -21.92 15.36
C ALA A 122 2.00 -22.84 15.82
N HIS A 123 1.62 -23.99 16.38
CA HIS A 123 2.55 -24.97 16.94
C HIS A 123 2.07 -26.38 16.58
N TRP A 124 3.00 -27.34 16.62
CA TRP A 124 2.63 -28.72 16.36
C TRP A 124 3.15 -29.65 17.46
N ASN A 125 2.44 -30.75 17.64
CA ASN A 125 2.64 -31.66 18.76
C ASN A 125 3.87 -32.52 18.51
N SER A 126 5.01 -32.10 19.08
CA SER A 126 6.25 -32.87 18.93
C SER A 126 6.38 -33.97 19.97
N ALA A 127 5.49 -34.03 20.96
CA ALA A 127 5.47 -35.18 21.85
C ALA A 127 5.00 -36.44 21.11
N LYS A 128 3.94 -36.31 20.32
CA LYS A 128 3.35 -37.46 19.65
C LYS A 128 3.80 -37.64 18.21
N TYR A 129 4.22 -36.57 17.52
CA TYR A 129 4.53 -36.66 16.11
C TYR A 129 5.94 -36.15 15.85
N SER A 130 6.49 -36.52 14.69
CA SER A 130 7.87 -36.18 14.38
CA SER A 130 7.87 -36.23 14.34
C SER A 130 8.02 -35.05 13.38
N SER A 131 6.94 -34.56 12.80
CA SER A 131 7.04 -33.44 11.86
C SER A 131 5.71 -32.71 11.78
N LEU A 132 5.78 -31.46 11.29
CA LEU A 132 4.56 -30.71 10.99
C LEU A 132 3.68 -31.47 10.01
N ALA A 133 4.29 -32.05 8.98
CA ALA A 133 3.54 -32.75 7.96
C ALA A 133 2.78 -33.94 8.54
N GLU A 134 3.38 -34.64 9.51
CA GLU A 134 2.67 -35.73 10.16
C GLU A 134 1.56 -35.21 11.08
N ALA A 135 1.87 -34.16 11.85
CA ALA A 135 0.92 -33.67 12.85
C ALA A 135 -0.25 -32.92 12.25
N ALA A 136 -0.12 -32.40 11.03
CA ALA A 136 -1.07 -31.41 10.52
C ALA A 136 -2.48 -31.96 10.39
N SER A 137 -2.64 -33.28 10.24
CA SER A 137 -3.97 -33.86 10.06
C SER A 137 -4.50 -34.58 11.31
N LYS A 138 -3.74 -34.60 12.39
CA LYS A 138 -4.11 -35.32 13.60
C LYS A 138 -4.96 -34.43 14.50
N ALA A 139 -6.00 -35.02 15.10
CA ALA A 139 -6.92 -34.24 15.91
C ALA A 139 -6.19 -33.49 17.02
N ASP A 140 -5.11 -34.07 17.56
CA ASP A 140 -4.30 -33.42 18.57
C ASP A 140 -2.98 -32.90 18.02
N GLY A 141 -2.92 -32.63 16.72
CA GLY A 141 -1.65 -32.32 16.09
C GLY A 141 -1.21 -30.88 16.19
N LEU A 142 -2.16 -29.93 16.16
CA LEU A 142 -1.84 -28.51 16.09
C LEU A 142 -2.44 -27.74 17.26
N ALA A 143 -1.74 -26.68 17.65
CA ALA A 143 -2.22 -25.76 18.67
C ALA A 143 -1.96 -24.34 18.17
N VAL A 144 -2.99 -23.50 18.15
CA VAL A 144 -2.86 -22.15 17.62
C VAL A 144 -3.40 -21.15 18.63
N ILE A 145 -2.58 -20.17 19.00
CA ILE A 145 -3.02 -19.06 19.82
C ILE A 145 -3.59 -18.01 18.88
N GLY A 146 -4.82 -17.55 19.16
CA GLY A 146 -5.43 -16.46 18.42
C GLY A 146 -5.51 -15.24 19.31
N VAL A 147 -5.04 -14.10 18.80
CA VAL A 147 -5.13 -12.83 19.49
C VAL A 147 -5.93 -11.87 18.63
N LEU A 148 -7.04 -11.38 19.16
CA LEU A 148 -7.87 -10.40 18.48
C LEU A 148 -7.16 -9.05 18.46
N MET A 149 -7.18 -8.36 17.31
CA MET A 149 -6.47 -7.10 17.15
C MET A 149 -7.49 -5.98 16.96
N LYS A 150 -7.52 -5.05 17.91
CA LYS A 150 -8.49 -3.96 17.92
C LYS A 150 -7.85 -2.69 17.38
N VAL A 151 -8.49 -2.08 16.39
CA VAL A 151 -7.95 -0.86 15.81
C VAL A 151 -7.94 0.25 16.85
N GLY A 152 -6.83 0.99 16.89
CA GLY A 152 -6.60 2.04 17.85
C GLY A 152 -5.18 2.53 17.71
N GLU A 153 -4.45 2.58 18.82
CA GLU A 153 -3.09 3.12 18.80
C GLU A 153 -2.14 2.18 18.05
N ALA A 154 -1.15 2.79 17.39
CA ALA A 154 -0.14 2.00 16.72
C ALA A 154 0.56 1.07 17.70
N ASN A 155 0.83 -0.15 17.26
CA ASN A 155 1.43 -1.16 18.11
C ASN A 155 2.91 -1.26 17.80
N PRO A 156 3.80 -0.72 18.64
CA PRO A 156 5.22 -0.75 18.30
C PRO A 156 5.82 -2.14 18.25
N LYS A 157 5.20 -3.13 18.91
CA LYS A 157 5.74 -4.48 18.85
C LYS A 157 5.62 -5.10 17.46
N LEU A 158 4.78 -4.55 16.59
CA LEU A 158 4.68 -5.04 15.21
C LEU A 158 5.77 -4.52 14.30
N GLN A 159 6.72 -3.72 14.81
CA GLN A 159 7.60 -2.93 13.94
C GLN A 159 8.46 -3.80 13.04
N LYS A 160 9.15 -4.78 13.62
CA LYS A 160 10.04 -5.60 12.79
C LYS A 160 9.28 -6.29 11.68
N VAL A 161 8.08 -6.78 11.98
CA VAL A 161 7.25 -7.44 10.98
C VAL A 161 6.88 -6.47 9.87
N LEU A 162 6.35 -5.30 10.24
CA LEU A 162 5.92 -4.33 9.23
C LEU A 162 7.09 -3.85 8.38
N ASP A 163 8.25 -3.63 9.00
CA ASP A 163 9.43 -3.19 8.26
C ASP A 163 9.89 -4.24 7.25
N ALA A 164 9.57 -5.51 7.47
CA ALA A 164 10.04 -6.57 6.58
C ALA A 164 9.21 -6.70 5.31
N LEU A 165 7.99 -6.15 5.29
CA LEU A 165 7.07 -6.42 4.20
C LEU A 165 7.56 -5.82 2.88
N GLN A 166 8.33 -4.72 2.93
CA GLN A 166 8.80 -4.10 1.69
C GLN A 166 9.70 -5.02 0.88
N ALA A 167 10.30 -6.03 1.52
CA ALA A 167 11.15 -6.98 0.82
C ALA A 167 10.41 -8.19 0.29
N ILE A 168 9.13 -8.36 0.64
CA ILE A 168 8.35 -9.50 0.17
C ILE A 168 7.04 -9.01 -0.43
N LYS A 169 7.11 -7.98 -1.28
CA LYS A 169 5.88 -7.31 -1.71
C LYS A 169 4.99 -8.20 -2.56
N THR A 170 5.57 -9.11 -3.36
CA THR A 170 4.80 -9.88 -4.32
C THR A 170 4.91 -11.38 -4.04
N LYS A 171 3.95 -12.11 -4.59
CA LYS A 171 3.79 -13.51 -4.27
C LYS A 171 5.05 -14.32 -4.54
N GLY A 172 5.44 -15.13 -3.57
CA GLY A 172 6.59 -16.00 -3.70
C GLY A 172 7.88 -15.43 -3.13
N LYS A 173 7.95 -14.11 -2.95
CA LYS A 173 9.15 -13.52 -2.38
C LYS A 173 9.33 -13.95 -0.94
N ARG A 174 10.59 -14.24 -0.58
CA ARG A 174 10.99 -14.74 0.72
C ARG A 174 12.20 -13.95 1.17
N ALA A 175 12.35 -13.79 2.48
CA ALA A 175 13.50 -13.08 3.00
C ALA A 175 13.80 -13.58 4.40
N PRO A 176 15.08 -13.55 4.80
CA PRO A 176 15.41 -13.92 6.17
C PRO A 176 14.68 -13.04 7.18
N PHE A 177 14.20 -13.67 8.25
CA PHE A 177 13.54 -12.96 9.35
C PHE A 177 14.05 -13.61 10.63
N THR A 178 14.98 -12.96 11.31
CA THR A 178 15.78 -13.62 12.34
C THR A 178 15.70 -12.87 13.66
N ASN A 179 16.07 -13.57 14.73
CA ASN A 179 16.25 -12.99 16.05
C ASN A 179 14.97 -12.29 16.53
N PHE A 180 13.88 -13.05 16.58
CA PHE A 180 12.59 -12.48 16.96
C PHE A 180 11.80 -13.48 17.80
N ASP A 181 11.31 -13.01 18.95
CA ASP A 181 10.48 -13.78 19.88
C ASP A 181 9.04 -13.31 19.75
N PRO A 182 8.15 -14.10 19.14
CA PRO A 182 6.78 -13.63 18.92
C PRO A 182 5.92 -13.59 20.17
N SER A 183 6.39 -14.12 21.31
CA SER A 183 5.64 -13.91 22.55
C SER A 183 5.56 -12.43 22.91
N THR A 184 6.42 -11.59 22.34
CA THR A 184 6.32 -10.15 22.51
C THR A 184 5.04 -9.55 21.92
N LEU A 185 4.39 -10.26 20.99
CA LEU A 185 3.15 -9.82 20.39
C LEU A 185 1.92 -10.19 21.21
N LEU A 186 2.05 -11.07 22.20
CA LEU A 186 0.89 -11.52 22.95
C LEU A 186 0.43 -10.46 23.94
N PRO A 187 -0.85 -10.48 24.32
CA PRO A 187 -1.33 -9.53 25.33
C PRO A 187 -0.75 -9.84 26.71
N SER A 188 -0.86 -8.86 27.61
CA SER A 188 -0.27 -9.01 28.93
C SER A 188 -0.95 -10.11 29.72
N SER A 189 -2.28 -10.19 29.65
CA SER A 189 -3.01 -11.28 30.26
C SER A 189 -3.14 -12.41 29.27
N LEU A 190 -2.86 -13.63 29.72
CA LEU A 190 -3.05 -14.82 28.89
C LEU A 190 -4.27 -15.64 29.33
N ASP A 191 -5.25 -14.99 29.99
CA ASP A 191 -6.57 -15.59 30.13
C ASP A 191 -7.10 -15.97 28.76
N PHE A 192 -7.76 -17.13 28.67
CA PHE A 192 -8.07 -17.63 27.34
C PHE A 192 -9.35 -18.46 27.31
N TRP A 193 -9.91 -18.58 26.10
CA TRP A 193 -10.89 -19.59 25.74
C TRP A 193 -10.20 -20.69 24.95
N THR A 194 -10.74 -21.90 25.03
CA THR A 194 -10.24 -22.98 24.19
C THR A 194 -11.39 -23.84 23.69
N TYR A 195 -11.23 -24.36 22.48
CA TYR A 195 -12.22 -25.25 21.86
C TYR A 195 -11.53 -26.06 20.76
N PRO A 196 -12.06 -27.24 20.43
CA PRO A 196 -11.48 -28.05 19.35
C PRO A 196 -11.99 -27.57 18.00
N GLY A 197 -11.08 -27.32 17.07
CA GLY A 197 -11.44 -26.73 15.80
C GLY A 197 -10.53 -27.14 14.69
N SER A 198 -10.29 -26.22 13.77
CA SER A 198 -9.72 -26.56 12.48
C SER A 198 -8.80 -25.45 12.01
N LEU A 199 -7.96 -25.77 11.01
CA LEU A 199 -7.35 -24.73 10.21
C LEU A 199 -8.44 -23.86 9.58
N THR A 200 -8.20 -22.56 9.49
CA THR A 200 -9.25 -21.68 8.99
C THR A 200 -9.20 -21.47 7.48
N HIS A 201 -8.32 -22.16 6.76
CA HIS A 201 -8.35 -22.15 5.32
C HIS A 201 -7.88 -23.51 4.83
N PRO A 202 -8.08 -23.83 3.55
CA PRO A 202 -7.71 -25.15 3.04
C PRO A 202 -6.30 -25.51 3.42
N PRO A 203 -6.04 -26.77 3.80
CA PRO A 203 -7.02 -27.87 3.73
C PRO A 203 -8.01 -28.05 4.88
N LEU A 204 -8.14 -27.08 5.79
CA LEU A 204 -9.24 -27.04 6.76
C LEU A 204 -9.27 -28.25 7.70
N TYR A 205 -8.12 -28.92 7.88
CA TYR A 205 -8.03 -30.07 8.77
C TYR A 205 -8.56 -29.73 10.15
N GLU A 206 -9.34 -30.65 10.73
CA GLU A 206 -9.87 -30.49 12.08
C GLU A 206 -8.84 -31.02 13.09
N SER A 207 -7.69 -30.32 13.10
CA SER A 207 -6.52 -30.72 13.85
C SER A 207 -6.06 -29.68 14.87
N VAL A 208 -6.81 -28.60 15.08
CA VAL A 208 -6.33 -27.46 15.86
C VAL A 208 -7.07 -27.38 17.19
N THR A 209 -6.31 -27.34 18.27
CA THR A 209 -6.84 -26.90 19.56
C THR A 209 -6.60 -25.39 19.63
N TRP A 210 -7.69 -24.62 19.68
CA TRP A 210 -7.58 -23.17 19.67
C TRP A 210 -7.43 -22.62 21.08
N ILE A 211 -6.55 -21.64 21.22
CA ILE A 211 -6.34 -20.86 22.43
C ILE A 211 -6.61 -19.42 22.03
N ILE A 212 -7.77 -18.89 22.41
CA ILE A 212 -8.16 -17.52 22.04
C ILE A 212 -7.98 -16.65 23.27
N CYS A 213 -7.11 -15.64 23.16
CA CYS A 213 -6.86 -14.74 24.28
C CYS A 213 -8.08 -13.85 24.56
N LYS A 214 -8.38 -13.64 25.84
CA LYS A 214 -9.45 -12.76 26.23
C LYS A 214 -9.12 -11.30 25.94
N GLU A 215 -7.86 -10.93 26.17
CA GLU A 215 -7.39 -9.57 25.97
C GLU A 215 -6.97 -9.37 24.53
N SER A 216 -7.40 -8.25 23.95
CA SER A 216 -6.97 -7.87 22.61
C SER A 216 -5.61 -7.16 22.66
N ILE A 217 -4.99 -7.03 21.48
CA ILE A 217 -3.84 -6.15 21.30
C ILE A 217 -4.24 -5.09 20.29
N SER A 218 -3.47 -4.00 20.27
N SER A 218 -3.47 -4.00 20.27
CA SER A 218 -3.81 -2.87 19.42
CA SER A 218 -3.81 -2.87 19.42
C SER A 218 -3.13 -2.99 18.05
C SER A 218 -3.13 -2.97 18.06
N VAL A 219 -3.68 -2.22 17.11
CA VAL A 219 -3.09 -2.06 15.79
C VAL A 219 -3.69 -0.77 15.24
N SER A 220 -2.91 -0.01 14.48
CA SER A 220 -3.44 1.25 13.98
C SER A 220 -4.01 1.07 12.58
N SER A 221 -4.86 2.03 12.17
CA SER A 221 -5.42 1.99 10.83
CA SER A 221 -5.42 2.00 10.83
C SER A 221 -4.33 1.95 9.77
N GLU A 222 -3.22 2.65 10.02
CA GLU A 222 -2.12 2.68 9.05
C GLU A 222 -1.32 1.38 9.06
N GLN A 223 -1.17 0.76 10.22
CA GLN A 223 -0.50 -0.54 10.25
C GLN A 223 -1.31 -1.58 9.47
N LEU A 224 -2.63 -1.57 9.63
CA LEU A 224 -3.50 -2.44 8.84
C LEU A 224 -3.36 -2.15 7.35
N ALA A 225 -3.21 -0.87 6.99
CA ALA A 225 -3.01 -0.53 5.58
C ALA A 225 -1.75 -1.16 5.02
N GLN A 226 -0.71 -1.32 5.84
CA GLN A 226 0.50 -1.97 5.36
C GLN A 226 0.22 -3.43 4.99
N PHE A 227 -0.56 -4.15 5.81
CA PHE A 227 -0.99 -5.49 5.44
C PHE A 227 -1.68 -5.49 4.08
N ARG A 228 -2.66 -4.59 3.90
CA ARG A 228 -3.45 -4.60 2.68
C ARG A 228 -2.68 -4.11 1.47
N SER A 229 -1.51 -3.50 1.67
CA SER A 229 -0.66 -3.08 0.57
C SER A 229 0.23 -4.21 0.06
N LEU A 230 0.28 -5.34 0.76
CA LEU A 230 0.93 -6.51 0.19
C LEU A 230 0.20 -6.94 -1.08
N LEU A 231 0.94 -7.51 -2.03
CA LEU A 231 0.38 -7.85 -3.33
C LEU A 231 0.28 -9.36 -3.48
N SER A 232 -0.86 -9.81 -4.01
CA SER A 232 -1.10 -11.24 -4.22
C SER A 232 -0.57 -11.74 -5.56
N ASN A 233 -0.25 -10.83 -6.47
CA ASN A 233 0.29 -11.18 -7.78
C ASN A 233 1.80 -11.37 -7.70
N VAL A 234 2.36 -12.00 -8.75
CA VAL A 234 3.80 -12.14 -8.85
C VAL A 234 4.39 -10.88 -9.47
N GLU A 235 5.67 -10.63 -9.18
CA GLU A 235 6.36 -9.47 -9.71
C GLU A 235 6.18 -9.38 -11.22
N GLY A 236 5.89 -8.17 -11.69
CA GLY A 236 5.73 -7.91 -13.12
C GLY A 236 4.29 -7.88 -13.58
N ASP A 237 3.39 -8.57 -12.88
CA ASP A 237 1.98 -8.61 -13.23
C ASP A 237 1.25 -7.39 -12.66
N ASN A 238 -0.01 -7.24 -13.09
CA ASN A 238 -0.86 -6.19 -12.56
C ASN A 238 -0.98 -6.35 -11.05
N ALA A 239 -0.89 -5.22 -10.34
CA ALA A 239 -0.91 -5.25 -8.87
C ALA A 239 -2.30 -5.64 -8.37
N VAL A 240 -2.34 -6.62 -7.47
CA VAL A 240 -3.59 -7.07 -6.83
C VAL A 240 -3.39 -7.04 -5.32
N PRO A 241 -3.74 -5.94 -4.64
CA PRO A 241 -3.58 -5.90 -3.18
C PRO A 241 -4.32 -7.01 -2.47
N MET A 242 -3.72 -7.50 -1.38
CA MET A 242 -4.32 -8.46 -0.44
C MET A 242 -5.30 -7.72 0.44
N GLN A 243 -6.55 -7.59 -0.02
CA GLN A 243 -7.49 -6.76 0.73
C GLN A 243 -8.01 -7.45 1.99
N HIS A 244 -8.15 -8.77 1.96
CA HIS A 244 -8.74 -9.49 3.08
C HIS A 244 -8.41 -10.97 2.97
N ASN A 245 -8.43 -11.65 4.12
CA ASN A 245 -8.16 -13.08 4.16
C ASN A 245 -8.76 -13.71 5.41
N ASN A 246 -9.88 -13.20 5.90
CA ASN A 246 -10.52 -13.81 7.05
C ASN A 246 -11.72 -14.66 6.62
N ARG A 247 -11.84 -15.85 7.22
CA ARG A 247 -12.98 -16.74 7.00
C ARG A 247 -14.14 -16.36 7.91
N PRO A 248 -15.38 -16.41 7.43
CA PRO A 248 -16.54 -16.19 8.32
C PRO A 248 -16.58 -17.23 9.43
N THR A 249 -17.25 -16.88 10.53
CA THR A 249 -17.40 -17.84 11.62
C THR A 249 -18.35 -18.97 11.22
N GLN A 250 -18.11 -20.12 11.83
CA GLN A 250 -18.73 -21.39 11.48
C GLN A 250 -19.51 -21.91 12.68
N PRO A 251 -20.47 -22.83 12.46
CA PRO A 251 -21.30 -23.30 13.58
C PRO A 251 -20.54 -24.16 14.58
N LEU A 252 -20.87 -23.99 15.86
CA LEU A 252 -20.23 -24.78 16.90
C LEU A 252 -20.55 -26.26 16.80
N LYS A 253 -21.72 -26.59 16.23
CA LYS A 253 -22.17 -27.98 16.10
C LYS A 253 -22.04 -28.73 17.42
N GLY A 254 -22.49 -28.08 18.49
CA GLY A 254 -22.52 -28.69 19.80
C GLY A 254 -21.21 -28.67 20.57
N ARG A 255 -20.15 -28.10 20.01
CA ARG A 255 -18.92 -27.96 20.77
C ARG A 255 -19.10 -27.00 21.92
N THR A 256 -18.25 -27.14 22.93
CA THR A 256 -18.26 -26.29 24.11
C THR A 256 -16.98 -25.48 24.15
N VAL A 257 -17.12 -24.16 24.28
CA VAL A 257 -15.97 -23.28 24.43
C VAL A 257 -15.68 -23.14 25.92
N ARG A 258 -14.51 -23.58 26.35
CA ARG A 258 -14.14 -23.50 27.76
C ARG A 258 -13.39 -22.21 28.03
N ALA A 259 -13.59 -21.67 29.24
CA ALA A 259 -12.90 -20.47 29.69
C ALA A 259 -11.90 -20.82 30.77
N SER A 260 -10.72 -20.21 30.71
CA SER A 260 -9.74 -20.35 31.78
C SER A 260 -10.01 -19.40 32.94
N PHE A 261 -11.02 -18.55 32.81
CA PHE A 261 -11.25 -17.46 33.74
C PHE A 261 -12.74 -17.37 34.05
N ASP B 5 -13.75 18.79 -1.28
CA ASP B 5 -14.10 19.91 -2.15
C ASP B 5 -13.99 19.49 -3.61
N TRP B 6 -12.86 18.88 -3.94
CA TRP B 6 -12.62 18.35 -5.26
C TRP B 6 -11.70 17.16 -5.10
N GLY B 7 -11.81 16.21 -6.01
CA GLY B 7 -10.97 15.03 -6.00
C GLY B 7 -11.04 14.35 -7.33
N TYR B 8 -10.86 13.03 -7.31
CA TYR B 8 -10.87 12.23 -8.52
C TYR B 8 -11.93 11.15 -8.48
N ASP B 9 -12.77 11.13 -7.44
CA ASP B 9 -13.90 10.23 -7.35
C ASP B 9 -14.99 10.64 -8.32
N ASP B 10 -16.00 9.78 -8.47
CA ASP B 10 -17.10 10.12 -9.37
C ASP B 10 -17.95 11.26 -8.83
N LYS B 11 -18.01 11.42 -7.50
CA LYS B 11 -18.80 12.50 -6.93
C LYS B 11 -18.11 13.86 -7.06
N ASN B 12 -16.78 13.91 -7.00
CA ASN B 12 -16.08 15.19 -6.94
C ASN B 12 -15.00 15.33 -8.01
N GLY B 13 -15.02 14.47 -9.03
CA GLY B 13 -13.91 14.37 -9.95
C GLY B 13 -13.95 15.33 -11.12
N PRO B 14 -13.07 15.10 -12.10
CA PRO B 14 -12.89 16.07 -13.19
C PRO B 14 -14.16 16.43 -13.94
N GLU B 15 -15.06 15.47 -14.10
CA GLU B 15 -16.24 15.80 -14.84
C GLU B 15 -17.15 16.82 -14.22
N GLN B 16 -16.98 17.06 -12.94
CA GLN B 16 -17.78 18.05 -12.30
C GLN B 16 -17.01 19.19 -11.62
N TRP B 17 -15.74 19.30 -11.93
CA TRP B 17 -14.93 20.35 -11.41
C TRP B 17 -15.43 21.74 -11.84
N SER B 18 -16.07 21.84 -12.98
CA SER B 18 -16.49 23.15 -13.48
C SER B 18 -17.54 23.80 -12.60
N LYS B 19 -18.20 23.04 -11.73
CA LYS B 19 -19.20 23.61 -10.85
C LYS B 19 -18.57 24.62 -9.89
N LEU B 20 -17.49 24.22 -9.23
CA LEU B 20 -16.76 25.10 -8.32
C LEU B 20 -15.61 25.85 -8.99
N TYR B 21 -15.15 25.40 -10.15
CA TYR B 21 -14.03 26.01 -10.87
C TYR B 21 -14.43 26.13 -12.33
N PRO B 22 -15.19 27.17 -12.68
CA PRO B 22 -15.70 27.29 -14.05
C PRO B 22 -14.63 27.36 -15.12
N ILE B 23 -13.39 27.73 -14.77
CA ILE B 23 -12.32 27.74 -15.76
C ILE B 23 -12.04 26.33 -16.29
N ALA B 24 -12.59 25.29 -15.66
CA ALA B 24 -12.41 23.92 -16.12
C ALA B 24 -12.89 23.74 -17.56
N ASN B 25 -13.81 24.59 -18.02
CA ASN B 25 -14.28 24.59 -19.40
C ASN B 25 -13.60 25.68 -20.23
N GLY B 26 -12.44 26.16 -19.81
CA GLY B 26 -11.75 27.23 -20.50
C GLY B 26 -11.15 26.80 -21.82
N ASN B 27 -10.43 27.74 -22.44
CA ASN B 27 -9.83 27.54 -23.75
C ASN B 27 -8.36 27.16 -23.68
N ASN B 28 -7.80 27.05 -22.48
CA ASN B 28 -6.39 26.72 -22.32
C ASN B 28 -6.21 25.66 -21.26
N GLN B 29 -7.08 24.66 -21.26
CA GLN B 29 -7.06 23.63 -20.24
C GLN B 29 -6.10 22.49 -20.59
N SER B 30 -5.49 21.92 -19.55
CA SER B 30 -4.56 20.80 -19.64
C SER B 30 -5.06 19.63 -18.82
N PRO B 31 -4.60 18.39 -19.15
CA PRO B 31 -3.68 18.00 -20.22
C PRO B 31 -4.39 17.98 -21.56
N VAL B 32 -3.64 17.70 -22.62
CA VAL B 32 -4.18 17.58 -23.97
C VAL B 32 -3.55 16.34 -24.61
N ASP B 33 -4.17 15.88 -25.67
CA ASP B 33 -3.55 14.89 -26.53
C ASP B 33 -2.65 15.62 -27.53
N ILE B 34 -1.44 15.10 -27.71
CA ILE B 34 -0.54 15.64 -28.72
C ILE B 34 -0.66 14.77 -29.96
N LYS B 35 -1.30 15.31 -30.99
CA LYS B 35 -1.44 14.63 -32.27
C LYS B 35 -0.25 15.02 -33.13
N THR B 36 0.72 14.10 -33.29
CA THR B 36 2.01 14.47 -33.85
C THR B 36 1.91 14.93 -35.29
N SER B 37 0.91 14.44 -36.04
CA SER B 37 0.74 14.89 -37.41
C SER B 37 0.31 16.35 -37.50
N GLU B 38 -0.17 16.93 -36.40
CA GLU B 38 -0.61 18.32 -36.36
C GLU B 38 0.37 19.24 -35.65
N THR B 39 1.49 18.73 -35.16
CA THR B 39 2.46 19.59 -34.49
C THR B 39 3.20 20.44 -35.52
N LYS B 40 3.68 21.59 -35.05
CA LYS B 40 4.34 22.56 -35.91
C LYS B 40 5.76 22.79 -35.40
N HIS B 41 6.74 22.59 -36.27
CA HIS B 41 8.10 22.90 -35.87
C HIS B 41 8.32 24.40 -35.89
N ASP B 42 8.81 24.93 -34.77
CA ASP B 42 9.02 26.36 -34.58
C ASP B 42 10.52 26.57 -34.42
N THR B 43 11.15 27.23 -35.40
CA THR B 43 12.60 27.40 -35.34
C THR B 43 13.04 28.33 -34.20
N SER B 44 12.13 29.06 -33.58
CA SER B 44 12.53 29.93 -32.47
C SER B 44 12.63 29.19 -31.14
N LEU B 45 12.33 27.89 -31.12
CA LEU B 45 12.39 27.12 -29.89
C LEU B 45 13.83 26.67 -29.65
N LYS B 46 14.45 27.21 -28.59
CA LYS B 46 15.79 26.82 -28.19
C LYS B 46 15.74 25.50 -27.43
N PRO B 47 16.87 24.81 -27.27
CA PRO B 47 16.90 23.68 -26.34
C PRO B 47 16.54 24.16 -24.94
N ILE B 48 15.93 23.29 -24.16
CA ILE B 48 15.70 23.65 -22.77
C ILE B 48 16.96 23.36 -21.95
N SER B 49 17.23 24.24 -21.01
CA SER B 49 18.36 24.11 -20.10
C SER B 49 17.83 24.04 -18.69
N VAL B 50 18.20 22.99 -17.98
CA VAL B 50 17.81 22.83 -16.58
C VAL B 50 19.08 22.64 -15.77
N SER B 51 19.31 23.54 -14.81
CA SER B 51 20.43 23.40 -13.86
CA SER B 51 20.43 23.42 -13.87
C SER B 51 19.83 23.53 -12.47
N TYR B 52 19.71 22.40 -11.80
CA TYR B 52 19.10 22.34 -10.48
C TYR B 52 20.18 22.15 -9.43
N ASN B 53 20.17 23.01 -8.42
CA ASN B 53 21.05 22.86 -7.26
C ASN B 53 20.41 21.89 -6.29
N PRO B 54 21.03 20.73 -6.02
CA PRO B 54 20.39 19.73 -5.17
C PRO B 54 20.15 20.20 -3.74
N ALA B 55 20.77 21.30 -3.32
CA ALA B 55 20.54 21.84 -1.99
C ALA B 55 19.25 22.63 -1.89
N THR B 56 18.53 22.82 -2.99
CA THR B 56 17.22 23.45 -2.91
C THR B 56 16.11 22.46 -2.55
N ALA B 57 16.38 21.16 -2.60
CA ALA B 57 15.39 20.18 -2.15
C ALA B 57 15.05 20.44 -0.69
N LYS B 58 13.74 20.48 -0.38
CA LYS B 58 13.30 20.90 0.96
C LYS B 58 12.43 19.88 1.66
N GLU B 59 11.28 19.50 1.08
CA GLU B 59 10.25 18.81 1.84
C GLU B 59 9.42 17.93 0.92
N ILE B 60 9.03 16.76 1.42
CA ILE B 60 8.06 15.91 0.76
C ILE B 60 6.78 15.91 1.61
N ILE B 61 5.62 15.98 0.95
CA ILE B 61 4.36 16.20 1.66
C ILE B 61 3.23 15.44 0.96
N ASN B 62 2.37 14.81 1.76
CA ASN B 62 1.16 14.18 1.27
C ASN B 62 0.06 15.23 1.20
N VAL B 63 -0.45 15.49 -0.01
CA VAL B 63 -1.49 16.50 -0.18
C VAL B 63 -2.87 15.88 -0.40
N GLY B 64 -3.06 14.63 0.03
CA GLY B 64 -4.38 14.03 -0.04
C GLY B 64 -4.63 13.31 -1.34
N HIS B 65 -4.52 14.02 -2.46
CA HIS B 65 -4.73 13.43 -3.77
C HIS B 65 -3.43 13.01 -4.44
N SER B 66 -2.30 13.38 -3.87
CA SER B 66 -1.00 13.15 -4.48
C SER B 66 0.04 13.39 -3.39
N PHE B 67 1.31 13.29 -3.76
CA PHE B 67 2.38 13.80 -2.91
C PHE B 67 3.26 14.73 -3.72
N HIS B 68 3.84 15.71 -3.05
CA HIS B 68 4.69 16.72 -3.69
C HIS B 68 6.07 16.74 -3.06
N VAL B 69 7.10 16.94 -3.87
CA VAL B 69 8.42 17.27 -3.37
C VAL B 69 8.68 18.74 -3.67
N ASN B 70 8.84 19.53 -2.62
CA ASN B 70 8.91 20.97 -2.75
C ASN B 70 10.35 21.44 -2.54
N PHE B 71 10.68 22.55 -3.19
CA PHE B 71 12.04 23.07 -3.22
C PHE B 71 12.10 24.47 -2.65
N GLU B 72 13.24 24.80 -2.04
CA GLU B 72 13.50 26.18 -1.65
C GLU B 72 13.49 27.06 -2.89
N ASP B 73 12.58 28.03 -2.93
CA ASP B 73 12.46 28.90 -4.09
C ASP B 73 12.71 30.35 -3.72
N ASN B 74 13.64 30.55 -2.77
CA ASN B 74 14.00 31.90 -2.33
C ASN B 74 14.81 32.65 -3.38
N ASP B 75 15.59 31.93 -4.20
CA ASP B 75 16.47 32.55 -5.17
C ASP B 75 16.48 31.72 -6.44
N ASN B 76 17.29 32.13 -7.41
CA ASN B 76 17.38 31.45 -8.70
C ASN B 76 18.47 30.40 -8.72
N ARG B 77 18.67 29.62 -7.64
CA ARG B 77 19.69 28.59 -7.66
C ARG B 77 19.33 27.46 -8.62
N SER B 78 18.06 27.08 -8.68
CA SER B 78 17.58 26.02 -9.57
C SER B 78 16.59 26.64 -10.56
N VAL B 79 16.95 26.63 -11.85
CA VAL B 79 16.15 27.35 -12.83
C VAL B 79 16.02 26.55 -14.13
N LEU B 80 14.90 26.80 -14.81
CA LEU B 80 14.66 26.33 -16.17
C LEU B 80 14.81 27.52 -17.12
N LYS B 81 15.55 27.33 -18.21
CA LYS B 81 15.76 28.36 -19.21
C LYS B 81 15.63 27.75 -20.60
N GLY B 82 15.54 28.61 -21.60
CA GLY B 82 15.56 28.14 -22.97
C GLY B 82 14.18 27.77 -23.46
N GLY B 83 14.13 26.87 -24.44
CA GLY B 83 12.88 26.47 -25.02
C GLY B 83 12.13 27.67 -25.55
N PRO B 84 10.86 27.81 -25.17
CA PRO B 84 10.06 28.96 -25.62
C PRO B 84 10.22 30.21 -24.77
N PHE B 85 11.08 30.20 -23.76
CA PHE B 85 11.11 31.25 -22.76
C PHE B 85 12.22 32.26 -23.04
N SER B 86 11.91 33.52 -22.76
CA SER B 86 12.92 34.57 -22.62
C SER B 86 13.39 34.73 -21.18
N ASP B 87 12.57 34.35 -20.21
CA ASP B 87 12.86 34.49 -18.79
C ASP B 87 13.37 33.17 -18.20
N SER B 88 14.02 33.28 -17.06
CA SER B 88 14.35 32.11 -16.26
C SER B 88 13.20 31.78 -15.32
N TYR B 89 12.93 30.48 -15.15
CA TYR B 89 11.85 30.01 -14.28
C TYR B 89 12.43 29.22 -13.12
N ARG B 90 11.95 29.54 -11.91
CA ARG B 90 12.50 28.99 -10.68
C ARG B 90 11.80 27.68 -10.31
N LEU B 91 12.58 26.61 -10.16
CA LEU B 91 12.04 25.32 -9.72
C LEU B 91 11.36 25.44 -8.36
N PHE B 92 10.19 24.82 -8.21
CA PHE B 92 9.60 24.80 -6.88
C PHE B 92 8.99 23.46 -6.48
N GLN B 93 8.78 22.53 -7.41
CA GLN B 93 8.09 21.30 -7.04
C GLN B 93 8.27 20.27 -8.13
N PHE B 94 8.29 18.99 -7.74
CA PHE B 94 7.93 17.95 -8.70
C PHE B 94 7.00 16.96 -8.03
N HIS B 95 6.23 16.25 -8.87
CA HIS B 95 5.27 15.27 -8.41
C HIS B 95 4.91 14.37 -9.57
N PHE B 96 4.00 13.42 -9.33
CA PHE B 96 3.62 12.43 -10.32
C PHE B 96 2.10 12.36 -10.41
N HIS B 97 1.62 11.85 -11.54
CA HIS B 97 0.26 11.36 -11.65
C HIS B 97 0.28 9.90 -12.10
N TRP B 98 -0.71 9.16 -11.64
CA TRP B 98 -0.84 7.76 -12.00
C TRP B 98 -2.32 7.41 -12.08
N GLY B 99 -2.60 6.18 -12.51
CA GLY B 99 -3.95 5.73 -12.74
C GLY B 99 -4.26 4.44 -11.99
N SER B 100 -5.51 4.03 -12.09
CA SER B 100 -5.97 2.86 -11.34
C SER B 100 -5.28 1.58 -11.81
N THR B 101 -4.97 1.49 -13.10
CA THR B 101 -4.20 0.39 -13.66
C THR B 101 -2.93 0.93 -14.31
N ASN B 102 -2.05 0.02 -14.71
CA ASN B 102 -0.88 0.42 -15.48
C ASN B 102 -1.23 0.91 -16.88
N GLU B 103 -2.44 0.68 -17.36
CA GLU B 103 -2.78 0.92 -18.76
C GLU B 103 -3.10 2.38 -19.05
N HIS B 104 -3.46 3.17 -18.03
CA HIS B 104 -3.88 4.53 -18.27
C HIS B 104 -3.65 5.31 -16.97
N GLY B 105 -2.51 5.97 -16.89
CA GLY B 105 -2.19 6.78 -15.73
C GLY B 105 -1.59 8.14 -16.03
N SER B 106 -1.11 8.36 -17.26
CA SER B 106 -0.56 9.67 -17.56
C SER B 106 -1.69 10.68 -17.72
N GLU B 107 -1.31 11.95 -17.83
CA GLU B 107 -2.28 13.00 -18.13
C GLU B 107 -2.23 13.37 -19.61
N HIS B 108 -1.08 13.78 -20.11
CA HIS B 108 -0.93 13.97 -21.53
C HIS B 108 -0.92 12.63 -22.24
N THR B 109 -1.38 12.63 -23.47
CA THR B 109 -1.32 11.47 -24.34
C THR B 109 -0.68 11.89 -25.65
N VAL B 110 -0.15 10.92 -26.39
CA VAL B 110 0.50 11.17 -27.68
C VAL B 110 -0.17 10.29 -28.72
N ASP B 111 -0.79 10.92 -29.72
CA ASP B 111 -1.55 10.22 -30.75
C ASP B 111 -2.57 9.27 -30.12
N GLY B 112 -3.19 9.72 -29.02
CA GLY B 112 -4.18 8.94 -28.31
C GLY B 112 -3.63 7.85 -27.42
N VAL B 113 -2.32 7.68 -27.33
CA VAL B 113 -1.74 6.63 -26.50
C VAL B 113 -1.58 7.15 -25.09
N LYS B 114 -2.13 6.41 -24.14
CA LYS B 114 -2.03 6.76 -22.73
C LYS B 114 -0.90 5.95 -22.10
N TYR B 115 -0.04 6.63 -21.34
CA TYR B 115 1.08 5.99 -20.67
C TYR B 115 0.70 5.62 -19.24
N SER B 116 1.62 4.98 -18.51
CA SER B 116 1.30 4.45 -17.19
C SER B 116 1.31 5.52 -16.09
N ALA B 117 2.10 6.57 -16.27
CA ALA B 117 2.25 7.60 -15.25
C ALA B 117 2.86 8.82 -15.93
N GLU B 118 3.00 9.89 -15.17
CA GLU B 118 3.56 11.13 -15.70
C GLU B 118 4.24 11.89 -14.57
N LEU B 119 5.43 12.41 -14.85
CA LEU B 119 6.19 13.24 -13.93
C LEU B 119 5.98 14.70 -14.32
N HIS B 120 5.74 15.55 -13.32
CA HIS B 120 5.63 16.98 -13.54
C HIS B 120 6.69 17.68 -12.71
N VAL B 121 7.46 18.54 -13.37
CA VAL B 121 8.47 19.36 -12.71
C VAL B 121 8.08 20.81 -12.95
N ALA B 122 7.73 21.53 -11.87
CA ALA B 122 7.05 22.81 -11.97
C ALA B 122 7.97 23.96 -11.56
N HIS B 123 7.84 25.09 -12.26
CA HIS B 123 8.67 26.27 -12.07
C HIS B 123 7.80 27.51 -12.17
N TRP B 124 8.29 28.63 -11.61
CA TRP B 124 7.56 29.89 -11.72
C TRP B 124 8.48 31.02 -12.15
N ASN B 125 7.86 32.05 -12.73
CA ASN B 125 8.58 33.12 -13.42
C ASN B 125 9.16 34.09 -12.38
N SER B 126 10.44 33.92 -12.04
CA SER B 126 11.13 34.79 -11.10
C SER B 126 11.79 36.00 -11.78
N ALA B 127 11.80 36.05 -13.11
CA ALA B 127 12.22 37.29 -13.76
C ALA B 127 11.12 38.34 -13.68
N LYS B 128 9.86 37.90 -13.67
CA LYS B 128 8.72 38.78 -13.80
C LYS B 128 7.92 38.95 -12.53
N TYR B 129 7.93 37.96 -11.64
CA TYR B 129 7.24 38.03 -10.37
C TYR B 129 8.22 37.67 -9.27
N SER B 130 7.76 37.78 -8.02
CA SER B 130 8.66 37.54 -6.89
C SER B 130 8.15 36.45 -5.95
N SER B 131 7.02 35.81 -6.23
CA SER B 131 6.57 34.70 -5.40
C SER B 131 5.78 33.72 -6.26
N LEU B 132 5.71 32.48 -5.77
CA LEU B 132 4.82 31.51 -6.38
C LEU B 132 3.37 31.96 -6.30
N ALA B 133 2.98 32.56 -5.17
CA ALA B 133 1.59 32.96 -5.02
C ALA B 133 1.20 34.01 -6.05
N GLU B 134 2.10 34.96 -6.32
CA GLU B 134 1.82 35.97 -7.34
C GLU B 134 1.81 35.37 -8.74
N ALA B 135 2.77 34.49 -9.03
CA ALA B 135 2.93 33.96 -10.38
C ALA B 135 1.88 32.93 -10.73
N ALA B 136 1.25 32.30 -9.75
CA ALA B 136 0.43 31.11 -10.00
C ALA B 136 -0.72 31.38 -10.96
N SER B 137 -1.28 32.58 -10.95
CA SER B 137 -2.45 32.88 -11.75
C SER B 137 -2.15 33.71 -12.99
N LYS B 138 -0.88 33.97 -13.27
CA LYS B 138 -0.49 34.78 -14.42
C LYS B 138 -0.26 33.88 -15.64
N ALA B 139 -0.75 34.33 -16.80
CA ALA B 139 -0.68 33.51 -18.00
C ALA B 139 0.75 33.07 -18.32
N ASP B 140 1.74 33.92 -18.04
CA ASP B 140 3.14 33.57 -18.18
C ASP B 140 3.79 33.21 -16.84
N GLY B 141 2.99 32.81 -15.85
CA GLY B 141 3.51 32.59 -14.51
C GLY B 141 4.25 31.30 -14.27
N LEU B 142 3.77 30.20 -14.84
CA LEU B 142 4.27 28.88 -14.52
C LEU B 142 4.79 28.17 -15.76
N ALA B 143 5.77 27.31 -15.54
CA ALA B 143 6.30 26.43 -16.58
C ALA B 143 6.46 25.03 -15.98
N VAL B 144 5.89 24.02 -16.64
CA VAL B 144 5.96 22.66 -16.13
C VAL B 144 6.51 21.75 -17.21
N ILE B 145 7.52 20.95 -16.86
CA ILE B 145 8.01 19.87 -17.71
C ILE B 145 7.20 18.62 -17.42
N GLY B 146 6.69 17.97 -18.45
CA GLY B 146 6.02 16.69 -18.32
C GLY B 146 6.85 15.59 -18.98
N VAL B 147 7.01 14.49 -18.25
CA VAL B 147 7.68 13.30 -18.75
C VAL B 147 6.72 12.13 -18.63
N LEU B 148 6.40 11.52 -19.77
CA LEU B 148 5.58 10.33 -19.78
C LEU B 148 6.36 9.14 -19.25
N MET B 149 5.68 8.30 -18.46
CA MET B 149 6.33 7.16 -17.83
C MET B 149 5.71 5.87 -18.34
N LYS B 150 6.55 4.96 -18.83
CA LYS B 150 6.09 3.73 -19.47
C LYS B 150 6.40 2.54 -18.56
N VAL B 151 5.37 1.75 -18.26
CA VAL B 151 5.58 0.62 -17.36
C VAL B 151 6.55 -0.36 -18.00
N GLY B 152 7.49 -0.86 -17.22
CA GLY B 152 8.50 -1.77 -17.71
C GLY B 152 9.50 -2.07 -16.61
N GLU B 153 10.79 -1.91 -16.89
CA GLU B 153 11.82 -2.11 -15.88
C GLU B 153 11.69 -1.09 -14.76
N ALA B 154 12.09 -1.49 -13.56
CA ALA B 154 12.14 -0.56 -12.44
C ALA B 154 13.10 0.59 -12.75
N ASN B 155 12.69 1.80 -12.38
CA ASN B 155 13.51 2.98 -12.58
C ASN B 155 14.28 3.27 -11.31
N PRO B 156 15.60 3.02 -11.26
CA PRO B 156 16.33 3.22 -10.00
C PRO B 156 16.46 4.67 -9.58
N LYS B 157 16.29 5.63 -10.50
CA LYS B 157 16.36 7.03 -10.12
C LYS B 157 15.18 7.45 -9.25
N LEU B 158 14.13 6.65 -9.20
CA LEU B 158 12.98 6.93 -8.34
C LEU B 158 13.20 6.50 -6.89
N GLN B 159 14.36 5.92 -6.56
CA GLN B 159 14.51 5.21 -5.29
C GLN B 159 14.35 6.13 -4.09
N LYS B 160 15.02 7.29 -4.09
CA LYS B 160 14.94 8.16 -2.91
C LYS B 160 13.51 8.65 -2.69
N VAL B 161 12.79 8.92 -3.78
CA VAL B 161 11.39 9.36 -3.64
C VAL B 161 10.54 8.24 -3.05
N LEU B 162 10.62 7.05 -3.64
CA LEU B 162 9.84 5.93 -3.15
C LEU B 162 10.18 5.59 -1.70
N ASP B 163 11.46 5.67 -1.33
CA ASP B 163 11.87 5.34 0.04
C ASP B 163 11.28 6.32 1.04
N ALA B 164 11.03 7.55 0.62
CA ALA B 164 10.54 8.59 1.52
C ALA B 164 9.05 8.48 1.82
N LEU B 165 8.31 7.72 1.01
CA LEU B 165 6.85 7.72 1.13
C LEU B 165 6.37 7.13 2.44
N GLN B 166 7.13 6.21 3.04
CA GLN B 166 6.67 5.59 4.29
C GLN B 166 6.55 6.58 5.43
N ALA B 167 7.19 7.75 5.33
CA ALA B 167 7.09 8.78 6.36
C ALA B 167 5.97 9.78 6.11
N ILE B 168 5.29 9.70 4.95
CA ILE B 168 4.20 10.63 4.67
C ILE B 168 2.97 9.86 4.20
N LYS B 169 2.62 8.80 4.93
CA LYS B 169 1.60 7.88 4.42
C LYS B 169 0.21 8.50 4.33
N THR B 170 -0.15 9.42 5.24
CA THR B 170 -1.50 9.96 5.30
C THR B 170 -1.53 11.47 5.04
N LYS B 171 -2.73 11.95 4.69
CA LYS B 171 -2.89 13.34 4.26
C LYS B 171 -2.37 14.33 5.30
N GLY B 172 -1.54 15.26 4.85
CA GLY B 172 -0.99 16.30 5.70
C GLY B 172 0.37 15.98 6.28
N LYS B 173 0.82 14.72 6.24
CA LYS B 173 2.14 14.43 6.75
C LYS B 173 3.20 14.99 5.81
N ARG B 174 4.32 15.40 6.40
CA ARG B 174 5.43 15.96 5.64
C ARG B 174 6.74 15.56 6.32
N ALA B 175 7.83 15.63 5.56
CA ALA B 175 9.14 15.27 6.09
C ALA B 175 10.20 16.00 5.29
N PRO B 176 11.35 16.28 5.91
CA PRO B 176 12.47 16.83 5.15
C PRO B 176 12.86 15.92 4.00
N PHE B 177 13.19 16.53 2.86
CA PHE B 177 13.62 15.80 1.67
C PHE B 177 14.70 16.67 1.05
N THR B 178 15.96 16.28 1.21
CA THR B 178 17.08 17.18 0.95
C THR B 178 18.04 16.54 -0.03
N ASN B 179 18.89 17.38 -0.60
CA ASN B 179 19.99 16.97 -1.47
C ASN B 179 19.48 16.05 -2.59
N PHE B 180 18.70 16.66 -3.49
CA PHE B 180 18.17 15.91 -4.62
C PHE B 180 18.05 16.82 -5.84
N ASP B 181 18.62 16.37 -6.97
CA ASP B 181 18.50 17.08 -8.23
C ASP B 181 17.46 16.37 -9.10
N PRO B 182 16.26 16.93 -9.28
CA PRO B 182 15.22 16.19 -10.03
C PRO B 182 15.47 16.14 -11.54
N SER B 183 16.41 16.90 -12.09
CA SER B 183 16.77 16.68 -13.50
C SER B 183 17.32 15.29 -13.73
N THR B 184 17.72 14.57 -12.67
CA THR B 184 18.14 13.18 -12.81
C THR B 184 17.00 12.28 -13.22
N LEU B 185 15.76 12.75 -13.10
CA LEU B 185 14.59 11.99 -13.49
C LEU B 185 14.21 12.19 -14.94
N LEU B 186 14.84 13.12 -15.64
CA LEU B 186 14.49 13.42 -17.01
C LEU B 186 15.08 12.40 -17.97
N PRO B 187 14.51 12.27 -19.16
CA PRO B 187 15.12 11.41 -20.19
C PRO B 187 16.42 12.03 -20.69
N SER B 188 17.22 11.20 -21.38
CA SER B 188 18.51 11.65 -21.92
C SER B 188 18.34 12.80 -22.90
N SER B 189 17.45 12.62 -23.87
CA SER B 189 17.12 13.68 -24.80
C SER B 189 16.02 14.57 -24.25
N LEU B 190 16.18 15.88 -24.44
CA LEU B 190 15.18 16.84 -24.02
C LEU B 190 14.46 17.48 -25.20
N ASP B 191 14.36 16.76 -26.32
CA ASP B 191 13.42 17.15 -27.37
C ASP B 191 12.03 17.27 -26.76
N PHE B 192 11.27 18.29 -27.18
CA PHE B 192 10.01 18.55 -26.50
C PHE B 192 8.94 19.13 -27.44
N TRP B 193 7.71 19.00 -26.98
CA TRP B 193 6.56 19.77 -27.46
C TRP B 193 6.21 20.84 -26.44
N THR B 194 5.62 21.94 -26.91
CA THR B 194 5.14 22.97 -25.99
C THR B 194 3.81 23.53 -26.46
N TYR B 195 2.95 23.86 -25.49
CA TYR B 195 1.68 24.49 -25.78
C TYR B 195 1.26 25.29 -24.55
N PRO B 196 0.40 26.29 -24.72
CA PRO B 196 -0.08 27.08 -23.57
C PRO B 196 -1.25 26.36 -22.91
N GLY B 197 -1.18 26.19 -21.59
CA GLY B 197 -2.15 25.38 -20.89
C GLY B 197 -2.40 25.82 -19.47
N SER B 198 -2.74 24.85 -18.63
CA SER B 198 -3.29 25.14 -17.32
C SER B 198 -2.72 24.16 -16.30
N LEU B 199 -2.94 24.48 -15.02
CA LEU B 199 -2.83 23.46 -13.98
C LEU B 199 -3.83 22.33 -14.30
N THR B 200 -3.43 21.08 -14.04
CA THR B 200 -4.31 19.97 -14.40
C THR B 200 -5.27 19.57 -13.29
N HIS B 201 -5.25 20.27 -12.15
CA HIS B 201 -6.29 20.06 -11.15
C HIS B 201 -6.62 21.43 -10.54
N PRO B 202 -7.71 21.56 -9.79
CA PRO B 202 -8.09 22.86 -9.22
C PRO B 202 -6.93 23.48 -8.45
N PRO B 203 -6.74 24.81 -8.55
CA PRO B 203 -7.65 25.77 -9.18
C PRO B 203 -7.58 25.92 -10.71
N LEU B 204 -6.86 25.03 -11.40
CA LEU B 204 -6.94 24.94 -12.86
C LEU B 204 -6.53 26.23 -13.58
N TYR B 205 -5.72 27.08 -12.93
CA TYR B 205 -5.28 28.33 -13.54
C TYR B 205 -4.67 28.09 -14.91
N GLU B 206 -5.07 28.89 -15.89
CA GLU B 206 -4.51 28.81 -17.23
C GLU B 206 -3.22 29.63 -17.29
N SER B 207 -2.25 29.15 -16.53
CA SER B 207 -1.00 29.87 -16.27
C SER B 207 0.24 29.08 -16.63
N VAL B 208 0.10 27.91 -17.25
CA VAL B 208 1.22 26.99 -17.41
C VAL B 208 1.65 26.95 -18.87
N THR B 209 2.92 27.23 -19.12
CA THR B 209 3.53 26.86 -20.38
C THR B 209 4.05 25.45 -20.21
N TRP B 210 3.49 24.51 -20.97
CA TRP B 210 3.85 23.10 -20.88
C TRP B 210 5.03 22.75 -21.77
N ILE B 211 5.96 21.97 -21.22
CA ILE B 211 7.09 21.40 -21.92
C ILE B 211 6.93 19.88 -21.81
N ILE B 212 6.48 19.23 -22.87
CA ILE B 212 6.27 17.78 -22.86
C ILE B 212 7.43 17.11 -23.56
N CYS B 213 8.17 16.27 -22.85
CA CYS B 213 9.34 15.62 -23.41
C CYS B 213 8.91 14.58 -24.42
N LYS B 214 9.59 14.57 -25.57
CA LYS B 214 9.31 13.55 -26.59
C LYS B 214 9.62 12.15 -26.08
N GLU B 215 10.68 12.00 -25.29
CA GLU B 215 11.10 10.70 -24.80
C GLU B 215 10.51 10.40 -23.43
N SER B 216 10.14 9.14 -23.22
CA SER B 216 9.60 8.70 -21.95
C SER B 216 10.70 8.12 -21.05
N ILE B 217 10.33 7.86 -19.80
CA ILE B 217 11.17 7.15 -18.84
C ILE B 217 10.39 5.92 -18.37
N SER B 218 11.10 4.98 -17.73
CA SER B 218 10.47 3.75 -17.28
CA SER B 218 10.51 3.73 -17.26
C SER B 218 9.99 3.86 -15.83
N VAL B 219 9.16 2.90 -15.45
CA VAL B 219 8.68 2.70 -14.08
C VAL B 219 8.16 1.27 -14.02
N SER B 220 8.36 0.60 -12.89
CA SER B 220 7.90 -0.77 -12.79
C SER B 220 6.50 -0.84 -12.19
N SER B 221 5.83 -1.99 -12.42
CA SER B 221 4.51 -2.18 -11.86
C SER B 221 4.50 -2.02 -10.34
N GLU B 222 5.56 -2.49 -9.68
CA GLU B 222 5.60 -2.42 -8.23
C GLU B 222 5.90 -1.00 -7.75
N GLN B 223 6.66 -0.23 -8.52
CA GLN B 223 6.87 1.16 -8.15
C GLN B 223 5.56 1.94 -8.24
N LEU B 224 4.76 1.67 -9.26
CA LEU B 224 3.44 2.30 -9.35
C LEU B 224 2.56 1.89 -8.17
N ALA B 225 2.65 0.63 -7.75
CA ALA B 225 1.86 0.20 -6.60
C ALA B 225 2.26 0.96 -5.34
N GLN B 226 3.54 1.37 -5.25
CA GLN B 226 3.96 2.18 -4.12
C GLN B 226 3.25 3.53 -4.11
N PHE B 227 3.14 4.18 -5.28
CA PHE B 227 2.32 5.39 -5.37
C PHE B 227 0.92 5.14 -4.84
N ARG B 228 0.29 4.06 -5.32
CA ARG B 228 -1.10 3.79 -4.97
C ARG B 228 -1.26 3.33 -3.54
N SER B 229 -0.18 3.01 -2.84
CA SER B 229 -0.31 2.69 -1.42
C SER B 229 -0.29 3.92 -0.52
N LEU B 230 -0.04 5.11 -1.07
CA LEU B 230 -0.26 6.33 -0.32
C LEU B 230 -1.73 6.47 0.02
N LEU B 231 -2.03 7.07 1.16
CA LEU B 231 -3.39 7.17 1.65
C LEU B 231 -3.88 8.62 1.58
N SER B 232 -5.13 8.78 1.10
CA SER B 232 -5.76 10.10 0.97
C SER B 232 -6.41 10.58 2.27
N ASN B 233 -6.58 9.71 3.24
CA ASN B 233 -7.21 10.05 4.50
C ASN B 233 -6.19 10.60 5.48
N VAL B 234 -6.69 11.25 6.53
CA VAL B 234 -5.82 11.71 7.62
C VAL B 234 -5.60 10.55 8.58
N GLU B 235 -4.48 10.62 9.30
CA GLU B 235 -4.10 9.58 10.25
C GLU B 235 -5.24 9.25 11.20
N GLY B 236 -5.49 7.96 11.37
CA GLY B 236 -6.54 7.52 12.29
C GLY B 236 -7.80 7.06 11.59
N ASP B 237 -8.19 7.74 10.52
CA ASP B 237 -9.35 7.33 9.76
C ASP B 237 -9.04 6.05 8.99
N ASN B 238 -10.09 5.40 8.48
CA ASN B 238 -9.86 4.19 7.71
C ASN B 238 -9.06 4.52 6.48
N ALA B 239 -8.14 3.63 6.13
CA ALA B 239 -7.19 3.87 5.05
C ALA B 239 -7.90 3.87 3.70
N VAL B 240 -7.63 4.92 2.91
CA VAL B 240 -8.19 5.04 1.56
C VAL B 240 -7.02 5.28 0.60
N PRO B 241 -6.58 4.25 -0.13
CA PRO B 241 -5.45 4.41 -1.04
C PRO B 241 -5.72 5.42 -2.14
N MET B 242 -4.67 6.15 -2.55
CA MET B 242 -4.72 7.03 -3.71
C MET B 242 -4.60 6.19 -4.98
N GLN B 243 -5.73 5.74 -5.51
CA GLN B 243 -5.66 4.82 -6.64
C GLN B 243 -5.40 5.54 -7.95
N HIS B 244 -5.76 6.82 -8.07
CA HIS B 244 -5.54 7.53 -9.33
C HIS B 244 -5.68 9.02 -9.11
N ASN B 245 -5.03 9.79 -9.98
CA ASN B 245 -5.11 11.25 -9.88
C ASN B 245 -4.82 11.93 -11.22
N ASN B 246 -5.20 11.31 -12.34
CA ASN B 246 -4.95 11.88 -13.64
C ASN B 246 -6.25 12.43 -14.24
N ARG B 247 -6.18 13.66 -14.75
CA ARG B 247 -7.31 14.28 -15.42
C ARG B 247 -7.36 13.86 -16.90
N PRO B 248 -8.55 13.63 -17.46
CA PRO B 248 -8.65 13.34 -18.89
C PRO B 248 -8.17 14.49 -19.75
N THR B 249 -7.78 14.19 -20.98
CA THR B 249 -7.32 15.24 -21.87
C THR B 249 -8.49 16.16 -22.26
N GLN B 250 -8.17 17.42 -22.50
CA GLN B 250 -9.15 18.48 -22.71
C GLN B 250 -9.06 19.04 -24.12
N PRO B 251 -10.14 19.65 -24.62
CA PRO B 251 -10.14 20.17 -26.00
C PRO B 251 -9.04 21.19 -26.25
N LEU B 252 -8.40 21.05 -27.40
CA LEU B 252 -7.33 21.96 -27.77
C LEU B 252 -7.86 23.36 -28.07
N LYS B 253 -9.10 23.46 -28.54
CA LYS B 253 -9.79 24.72 -28.79
C LYS B 253 -8.94 25.70 -29.61
N GLY B 254 -8.32 25.19 -30.65
CA GLY B 254 -7.56 26.02 -31.57
C GLY B 254 -6.11 26.24 -31.20
N ARG B 255 -5.66 25.76 -30.05
CA ARG B 255 -4.25 25.91 -29.71
C ARG B 255 -3.39 25.07 -30.64
N THR B 256 -2.13 25.52 -30.78
CA THR B 256 -1.11 24.83 -31.56
C THR B 256 -0.11 24.19 -30.62
N VAL B 257 0.18 22.92 -30.84
CA VAL B 257 1.30 22.26 -30.16
C VAL B 257 2.53 22.41 -31.03
N ARG B 258 3.53 23.11 -30.52
CA ARG B 258 4.77 23.31 -31.26
C ARG B 258 5.78 22.23 -30.90
N ALA B 259 6.60 21.87 -31.88
CA ALA B 259 7.68 20.90 -31.70
C ALA B 259 9.04 21.57 -31.81
N SER B 260 9.94 21.18 -30.93
CA SER B 260 11.32 21.64 -30.94
C SER B 260 12.14 20.86 -31.96
N PHE B 261 11.56 19.81 -32.53
CA PHE B 261 12.30 18.82 -33.25
C PHE B 261 11.57 18.41 -34.51
#